data_2QH4
#
_entry.id   2QH4
#
_entity_poly.entity_id   1
_entity_poly.type   'polyribonucleotide'
_entity_poly.pdbx_seq_one_letter_code
;GGCACAGAGUUAUGUGCC
;
_entity_poly.pdbx_strand_id   A
#
loop_
_chem_comp.id
_chem_comp.type
_chem_comp.name
_chem_comp.formula
A RNA linking ADENOSINE-5'-MONOPHOSPHATE 'C10 H14 N5 O7 P'
C RNA linking CYTIDINE-5'-MONOPHOSPHATE 'C9 H14 N3 O8 P'
G RNA linking GUANOSINE-5'-MONOPHOSPHATE 'C10 H14 N5 O8 P'
U RNA linking URIDINE-5'-MONOPHOSPHATE 'C9 H13 N2 O9 P'
#